data_4EGW
#
_entry.id   4EGW
#
_cell.length_a   68.290
_cell.length_b   68.290
_cell.length_c   241.940
_cell.angle_alpha   90.00
_cell.angle_beta   90.00
_cell.angle_gamma   120.00
#
_symmetry.space_group_name_H-M   'P 61'
#
loop_
_entity.id
_entity.type
_entity.pdbx_description
1 polymer 'Magnesium transport protein CorA'
2 non-polymer HEXANE-1,6-DIOL
3 non-polymer 1,4-BUTANEDIOL
4 non-polymer S-1,2-PROPANEDIOL
5 non-polymer 'MAGNESIUM ION'
6 water water
#
_entity_poly.entity_id   1
_entity_poly.type   'polypeptide(L)'
_entity_poly.pdbx_seq_one_letter_code
;MHHHHHHSSGVDLGTENLYFQSMITVIAIAKDGSIVEPKLDEISFEDYRLIWIDCYDPKDEELYKLSKKIGISVSDLQIG
LDEQEIPRVEEDEDFYLIIYKAPLFEEDITTTSLGIYIKNNLLLTIHSDKIKAIGRLHKLISTKKPRIVFERGIGFLLYH
ILNEITRSYSRILMNLEDELEELEDKLLAGYDREVMEKILGLRKTLVYFHKSLIANRDVLVLLKRKYLPITTKEDRENFE
DLYYDTLQLIDMSATYREVLTSMMDITLSLENIKMNQIMK
;
_entity_poly.pdbx_strand_id   A,B
#
# COMPACT_ATOMS: atom_id res chain seq x y z
N MET A 23 -19.39 25.80 10.23
CA MET A 23 -19.86 24.50 9.72
C MET A 23 -20.20 24.52 8.23
N ILE A 24 -19.17 24.70 7.42
CA ILE A 24 -19.32 24.75 5.98
C ILE A 24 -19.80 23.38 5.47
N THR A 25 -20.37 23.35 4.26
CA THR A 25 -20.42 22.11 3.50
C THR A 25 -19.40 22.28 2.38
N VAL A 26 -18.31 21.52 2.44
CA VAL A 26 -17.14 21.82 1.61
C VAL A 26 -17.44 21.84 0.09
N ILE A 27 -18.33 20.97 -0.36
CA ILE A 27 -18.83 21.00 -1.74
C ILE A 27 -17.79 21.26 -2.84
N ALA A 28 -16.92 20.28 -3.07
CA ALA A 28 -15.90 20.42 -4.10
C ALA A 28 -16.25 19.58 -5.30
N ILE A 29 -16.58 20.23 -6.42
CA ILE A 29 -16.84 19.49 -7.64
C ILE A 29 -15.57 19.39 -8.45
N ALA A 30 -15.04 18.19 -8.58
CA ALA A 30 -13.93 17.94 -9.48
C ALA A 30 -14.50 17.31 -10.74
N LYS A 31 -14.04 17.79 -11.90
CA LYS A 31 -14.58 17.37 -13.20
C LYS A 31 -13.45 16.94 -14.12
N ASP A 32 -13.41 15.66 -14.45
CA ASP A 32 -12.31 15.13 -15.26
C ASP A 32 -12.82 14.32 -16.44
N GLY A 33 -12.22 14.50 -17.61
CA GLY A 33 -12.63 13.73 -18.77
C GLY A 33 -11.49 13.54 -19.74
N SER A 34 -11.57 12.48 -20.55
CA SER A 34 -10.53 12.20 -21.55
C SER A 34 -10.84 12.94 -22.86
N ILE A 35 -9.90 13.76 -23.32
CA ILE A 35 -8.55 13.74 -22.78
C ILE A 35 -8.30 14.86 -21.77
N VAL A 36 -8.25 14.48 -20.49
CA VAL A 36 -7.70 15.31 -19.41
C VAL A 36 -7.97 16.83 -19.33
N GLU A 37 -9.20 17.26 -19.01
CA GLU A 37 -9.40 18.60 -18.41
C GLU A 37 -10.81 18.89 -17.76
N PRO A 38 -10.95 20.07 -17.11
CA PRO A 38 -11.99 20.77 -16.32
C PRO A 38 -13.25 21.35 -16.98
N LYS A 39 -13.89 22.22 -16.18
CA LYS A 39 -15.15 22.96 -16.45
C LYS A 39 -16.49 22.25 -16.63
N LEU A 40 -17.03 21.75 -15.52
CA LEU A 40 -18.42 21.31 -15.53
C LEU A 40 -19.34 22.52 -15.56
N ASP A 41 -20.63 22.22 -15.71
CA ASP A 41 -21.74 23.15 -15.91
C ASP A 41 -21.58 24.06 -17.12
N GLU A 42 -20.61 23.76 -17.99
CA GLU A 42 -20.79 23.67 -19.42
C GLU A 42 -19.88 22.52 -19.84
N ILE A 43 -20.46 21.42 -20.31
CA ILE A 43 -19.66 20.42 -20.99
C ILE A 43 -20.54 19.64 -21.94
N SER A 44 -19.96 19.22 -23.06
CA SER A 44 -20.68 18.45 -24.04
C SER A 44 -20.20 17.02 -23.97
N PHE A 45 -21.08 16.10 -23.60
CA PHE A 45 -20.65 14.73 -23.48
C PHE A 45 -20.38 14.29 -24.89
N GLU A 46 -19.91 13.06 -25.02
CA GLU A 46 -19.55 12.49 -26.32
C GLU A 46 -18.54 13.39 -26.99
N ASP A 47 -17.87 14.24 -26.21
CA ASP A 47 -16.68 14.92 -26.69
C ASP A 47 -15.52 14.12 -26.13
N TYR A 48 -15.86 13.12 -25.32
CA TYR A 48 -14.85 12.36 -24.59
C TYR A 48 -15.21 10.89 -24.39
N ARG A 49 -14.16 10.07 -24.30
CA ARG A 49 -14.31 8.66 -23.96
C ARG A 49 -15.13 8.57 -22.69
N LEU A 50 -14.56 9.11 -21.60
CA LEU A 50 -15.26 9.14 -20.33
C LEU A 50 -15.09 10.49 -19.63
N ILE A 51 -15.79 10.64 -18.50
CA ILE A 51 -15.65 11.81 -17.66
C ILE A 51 -15.77 11.34 -16.23
N TRP A 52 -14.89 11.83 -15.37
CA TRP A 52 -14.96 11.50 -13.95
C TRP A 52 -15.35 12.73 -13.16
N ILE A 53 -16.56 12.71 -12.62
CA ILE A 53 -17.01 13.77 -11.73
C ILE A 53 -16.97 13.25 -10.29
N ASP A 54 -16.17 13.90 -9.46
CA ASP A 54 -16.17 13.60 -8.05
C ASP A 54 -16.85 14.74 -7.33
N CYS A 55 -17.89 14.40 -6.59
CA CYS A 55 -18.63 15.41 -5.86
C CYS A 55 -18.48 15.21 -4.36
N TYR A 56 -17.73 16.11 -3.73
CA TYR A 56 -17.47 15.97 -2.32
C TYR A 56 -18.35 16.91 -1.51
N ASP A 57 -19.31 16.34 -0.79
CA ASP A 57 -20.05 17.06 0.25
C ASP A 57 -20.74 18.33 -0.25
N PRO A 58 -21.58 18.21 -1.28
CA PRO A 58 -22.18 19.34 -2.00
C PRO A 58 -23.29 20.11 -1.27
N LYS A 59 -23.30 21.44 -1.38
CA LYS A 59 -24.45 22.22 -0.94
C LYS A 59 -25.53 22.02 -2.00
N ASP A 60 -26.75 21.75 -1.56
CA ASP A 60 -27.71 21.14 -2.49
C ASP A 60 -28.04 22.07 -3.63
N GLU A 61 -27.58 23.30 -3.53
CA GLU A 61 -27.56 24.19 -4.68
C GLU A 61 -26.70 23.52 -5.76
N GLU A 62 -25.46 23.20 -5.38
CA GLU A 62 -24.48 22.56 -6.26
C GLU A 62 -24.89 21.14 -6.68
N LEU A 63 -25.62 20.47 -5.80
CA LEU A 63 -26.06 19.11 -6.09
C LEU A 63 -27.18 19.10 -7.14
N TYR A 64 -28.21 19.91 -6.94
CA TYR A 64 -29.33 19.97 -7.88
C TYR A 64 -28.84 20.26 -9.30
N LYS A 65 -27.90 21.20 -9.40
CA LYS A 65 -27.26 21.52 -10.66
C LYS A 65 -26.68 20.24 -11.27
N LEU A 66 -26.10 19.42 -10.41
CA LEU A 66 -25.41 18.20 -10.84
C LEU A 66 -26.39 17.16 -11.39
N SER A 67 -27.46 16.92 -10.65
CA SER A 67 -28.49 16.02 -11.12
C SER A 67 -28.96 16.50 -12.47
N LYS A 68 -29.25 17.80 -12.54
CA LYS A 68 -29.78 18.41 -13.75
C LYS A 68 -28.88 18.04 -14.90
N LYS A 69 -27.61 18.35 -14.76
CA LYS A 69 -26.64 18.12 -15.81
C LYS A 69 -26.49 16.65 -16.17
N ILE A 70 -26.41 15.79 -15.15
CA ILE A 70 -26.26 14.36 -15.37
C ILE A 70 -27.59 13.62 -15.43
N GLY A 71 -28.67 14.31 -15.10
CA GLY A 71 -29.99 13.74 -15.31
C GLY A 71 -30.23 12.49 -14.49
N ILE A 72 -29.69 12.48 -13.28
CA ILE A 72 -30.06 11.46 -12.31
C ILE A 72 -30.99 12.12 -11.30
N SER A 73 -32.05 11.42 -10.90
CA SER A 73 -33.02 12.01 -9.98
C SER A 73 -32.33 12.50 -8.70
N VAL A 74 -32.57 13.76 -8.36
CA VAL A 74 -31.87 14.40 -7.25
C VAL A 74 -31.92 13.53 -5.99
N SER A 75 -33.00 12.77 -5.87
CA SER A 75 -33.13 11.73 -4.85
C SER A 75 -32.07 10.64 -5.01
N ASP A 76 -31.97 10.09 -6.22
CA ASP A 76 -31.05 8.98 -6.49
C ASP A 76 -29.60 9.32 -6.18
N LEU A 77 -29.24 10.60 -6.26
CA LEU A 77 -27.86 11.01 -5.97
C LEU A 77 -27.64 11.08 -4.45
N GLN A 78 -28.74 11.30 -3.74
CA GLN A 78 -28.70 11.39 -2.29
C GLN A 78 -28.31 10.06 -1.65
N ILE A 79 -28.53 8.96 -2.38
CA ILE A 79 -27.99 7.68 -1.95
C ILE A 79 -26.51 7.87 -1.71
N GLY A 80 -25.83 8.42 -2.71
CA GLY A 80 -24.38 8.57 -2.68
C GLY A 80 -23.83 9.32 -1.49
N LEU A 81 -24.55 10.35 -1.04
CA LEU A 81 -24.08 11.19 0.06
C LEU A 81 -24.41 10.63 1.43
N ASP A 82 -25.03 9.45 1.47
CA ASP A 82 -25.30 8.81 2.76
C ASP A 82 -24.09 7.94 3.09
N GLU A 83 -23.41 8.30 4.16
CA GLU A 83 -22.16 7.63 4.50
C GLU A 83 -22.41 6.43 5.41
N GLN A 84 -23.67 6.25 5.80
CA GLN A 84 -24.06 5.03 6.52
C GLN A 84 -24.43 3.90 5.55
N GLU A 85 -24.62 4.24 4.27
CA GLU A 85 -25.06 3.28 3.26
C GLU A 85 -24.20 2.02 3.20
N ILE A 86 -24.84 0.86 3.16
CA ILE A 86 -24.13 -0.40 3.02
C ILE A 86 -23.64 -0.55 1.59
N PRO A 87 -22.33 -0.78 1.41
CA PRO A 87 -21.86 -1.00 0.05
C PRO A 87 -22.72 -2.04 -0.62
N ARG A 88 -22.96 -1.84 -1.91
CA ARG A 88 -23.67 -2.82 -2.71
C ARG A 88 -23.57 -2.40 -4.15
N VAL A 89 -24.14 -3.19 -5.03
CA VAL A 89 -24.33 -2.78 -6.40
C VAL A 89 -25.82 -2.80 -6.66
N GLU A 90 -26.34 -1.69 -7.17
CA GLU A 90 -27.76 -1.61 -7.52
C GLU A 90 -27.90 -1.42 -9.02
N GLU A 91 -28.97 -1.95 -9.59
CA GLU A 91 -29.12 -1.91 -11.04
C GLU A 91 -29.88 -0.70 -11.57
N ASP A 92 -29.96 -0.64 -12.89
CA ASP A 92 -30.34 0.58 -13.58
C ASP A 92 -31.69 1.15 -13.17
N GLU A 93 -31.69 2.39 -12.73
CA GLU A 93 -32.70 3.28 -13.22
C GLU A 93 -31.83 4.27 -13.96
N ASP A 94 -31.77 4.15 -15.28
CA ASP A 94 -30.95 5.06 -16.12
C ASP A 94 -29.44 5.18 -15.74
N PHE A 95 -28.89 4.20 -15.04
CA PHE A 95 -27.51 4.32 -14.53
C PHE A 95 -27.09 3.15 -13.66
N TYR A 96 -25.80 3.09 -13.34
CA TYR A 96 -25.28 2.11 -12.38
C TYR A 96 -24.85 2.76 -11.07
N LEU A 97 -25.00 2.02 -9.98
CA LEU A 97 -24.65 2.55 -8.67
C LEU A 97 -23.84 1.57 -7.83
N ILE A 98 -22.66 2.03 -7.40
CA ILE A 98 -21.88 1.29 -6.42
C ILE A 98 -21.72 2.12 -5.16
N ILE A 99 -22.14 1.54 -4.05
CA ILE A 99 -21.85 2.08 -2.74
C ILE A 99 -20.61 1.34 -2.28
N TYR A 100 -19.69 2.05 -1.65
CA TYR A 100 -18.47 1.41 -1.22
C TYR A 100 -17.99 2.04 0.06
N LYS A 101 -17.37 1.24 0.92
CA LYS A 101 -16.83 1.74 2.18
C LYS A 101 -15.34 2.03 2.08
N ALA A 102 -14.99 3.29 2.32
CA ALA A 102 -13.62 3.71 2.29
C ALA A 102 -13.21 4.18 3.67
N PRO A 103 -11.93 4.00 4.02
CA PRO A 103 -11.42 4.48 5.31
C PRO A 103 -11.71 5.97 5.51
N LEU A 104 -11.99 6.35 6.76
CA LEU A 104 -12.30 7.73 7.11
C LEU A 104 -11.39 8.11 8.25
N PHE A 105 -10.77 9.26 8.16
CA PHE A 105 -9.73 9.61 9.12
C PHE A 105 -10.19 10.72 10.05
N GLU A 106 -9.80 10.60 11.31
CA GLU A 106 -10.17 11.52 12.37
C GLU A 106 -9.12 11.36 13.44
N GLU A 107 -9.37 11.92 14.62
CA GLU A 107 -8.57 11.55 15.78
C GLU A 107 -8.51 10.02 15.79
N ASP A 108 -9.66 9.39 15.58
CA ASP A 108 -9.75 7.94 15.44
C ASP A 108 -10.32 7.57 14.07
N ILE A 109 -9.91 6.41 13.55
CA ILE A 109 -10.29 6.03 12.20
C ILE A 109 -11.54 5.14 12.14
N THR A 110 -12.36 5.37 11.13
CA THR A 110 -13.51 4.50 10.84
C THR A 110 -13.67 4.46 9.32
N THR A 111 -14.80 3.95 8.83
CA THR A 111 -15.04 3.98 7.39
C THR A 111 -16.31 4.74 7.08
N THR A 112 -16.45 5.11 5.81
CA THR A 112 -17.50 6.01 5.36
C THR A 112 -17.88 5.62 3.93
N SER A 113 -19.16 5.73 3.61
CA SER A 113 -19.64 5.30 2.31
C SER A 113 -19.58 6.38 1.24
N LEU A 114 -19.27 5.94 0.03
CA LEU A 114 -19.41 6.79 -1.13
C LEU A 114 -20.24 6.07 -2.16
N GLY A 115 -21.10 6.82 -2.82
CA GLY A 115 -21.77 6.32 -4.00
C GLY A 115 -20.93 6.53 -5.24
N ILE A 116 -20.98 5.56 -6.14
CA ILE A 116 -20.34 5.69 -7.42
C ILE A 116 -21.37 5.37 -8.48
N TYR A 117 -21.76 6.37 -9.26
CA TYR A 117 -22.77 6.14 -10.28
C TYR A 117 -22.10 6.05 -11.64
N ILE A 118 -22.53 5.11 -12.47
CA ILE A 118 -22.00 5.04 -13.82
C ILE A 118 -23.08 5.21 -14.86
N LYS A 119 -23.04 6.32 -15.58
CA LYS A 119 -24.02 6.60 -16.59
C LYS A 119 -23.32 6.74 -17.93
N ASN A 120 -23.57 5.78 -18.83
CA ASN A 120 -22.88 5.76 -20.11
C ASN A 120 -21.39 5.87 -19.86
N ASN A 121 -20.80 6.95 -20.36
CA ASN A 121 -19.38 7.16 -20.18
C ASN A 121 -19.01 7.95 -18.93
N LEU A 122 -20.01 8.30 -18.11
CA LEU A 122 -19.75 9.08 -16.90
C LEU A 122 -19.64 8.28 -15.60
N LEU A 123 -18.43 8.27 -15.03
CA LEU A 123 -18.21 7.72 -13.69
C LEU A 123 -18.28 8.89 -12.70
N LEU A 124 -19.33 8.93 -11.89
CA LEU A 124 -19.46 9.92 -10.85
C LEU A 124 -19.20 9.27 -9.50
N THR A 125 -18.25 9.84 -8.76
CA THR A 125 -17.98 9.40 -7.39
C THR A 125 -18.51 10.46 -6.47
N ILE A 126 -19.47 10.09 -5.65
CA ILE A 126 -20.09 11.05 -4.76
C ILE A 126 -19.90 10.66 -3.29
N HIS A 127 -19.36 11.59 -2.51
CA HIS A 127 -19.12 11.33 -1.11
C HIS A 127 -19.35 12.54 -0.24
N SER A 128 -19.97 12.32 0.92
CA SER A 128 -20.14 13.36 1.92
C SER A 128 -18.90 13.57 2.80
N ASP A 129 -18.09 12.52 2.96
CA ASP A 129 -16.85 12.63 3.72
C ASP A 129 -15.68 12.60 2.74
N LYS A 130 -14.59 13.27 3.08
CA LYS A 130 -13.42 13.18 2.24
C LYS A 130 -13.09 11.71 2.10
N ILE A 131 -12.58 11.32 0.94
CA ILE A 131 -12.10 9.97 0.74
C ILE A 131 -10.68 10.02 0.21
N LYS A 132 -9.77 9.51 1.03
CA LYS A 132 -8.36 9.70 0.79
C LYS A 132 -7.99 9.29 -0.62
N ALA A 133 -8.67 8.27 -1.12
CA ALA A 133 -8.27 7.65 -2.37
C ALA A 133 -8.53 8.54 -3.57
N ILE A 134 -9.59 9.33 -3.49
CA ILE A 134 -10.05 10.11 -4.64
C ILE A 134 -9.19 11.34 -4.82
N GLY A 135 -8.71 11.88 -3.71
CA GLY A 135 -7.68 12.88 -3.78
C GLY A 135 -6.52 12.30 -4.58
N ARG A 136 -6.08 11.11 -4.16
CA ARG A 136 -4.89 10.47 -4.75
C ARG A 136 -4.99 10.21 -6.24
N LEU A 137 -6.19 10.07 -6.78
CA LEU A 137 -6.37 10.10 -8.23
C LEU A 137 -6.43 11.51 -8.79
N HIS A 138 -7.14 12.41 -8.11
CA HIS A 138 -7.22 13.80 -8.56
C HIS A 138 -5.83 14.42 -8.59
N LYS A 139 -5.00 14.03 -7.63
CA LYS A 139 -3.65 14.52 -7.54
C LYS A 139 -2.79 13.81 -8.58
N LEU A 140 -2.94 12.50 -8.67
CA LEU A 140 -2.21 11.72 -9.66
C LEU A 140 -2.50 12.27 -11.04
N ILE A 141 -3.78 12.38 -11.37
CA ILE A 141 -4.21 12.89 -12.67
C ILE A 141 -3.56 14.24 -12.97
N SER A 142 -3.58 15.12 -11.97
CA SER A 142 -2.95 16.42 -12.12
C SER A 142 -1.52 16.24 -12.63
N THR A 143 -0.74 15.42 -11.93
CA THR A 143 0.63 15.16 -12.35
C THR A 143 0.70 14.19 -13.52
N LYS A 144 -0.21 13.24 -13.58
CA LYS A 144 -0.21 12.23 -14.64
C LYS A 144 -0.36 12.86 -16.01
N LYS A 145 0.27 12.24 -17.01
CA LYS A 145 0.30 12.77 -18.37
C LYS A 145 -1.08 12.72 -19.02
N PRO A 146 -1.19 13.25 -20.25
CA PRO A 146 -2.46 13.26 -20.98
C PRO A 146 -2.67 12.07 -21.92
N ARG A 147 -3.80 12.09 -22.60
CA ARG A 147 -4.11 11.22 -23.74
C ARG A 147 -3.82 9.73 -23.64
N ILE A 148 -3.11 9.24 -24.65
CA ILE A 148 -3.03 7.82 -24.95
C ILE A 148 -2.17 7.01 -23.98
N VAL A 149 -2.76 5.98 -23.38
CA VAL A 149 -4.19 5.71 -23.53
C VAL A 149 -4.86 5.47 -22.18
N PHE A 150 -5.86 6.30 -21.87
CA PHE A 150 -6.75 5.98 -20.76
C PHE A 150 -7.93 5.23 -21.33
N GLU A 151 -7.80 4.93 -22.63
CA GLU A 151 -8.87 4.33 -23.41
C GLU A 151 -9.33 3.00 -22.83
N ARG A 152 -8.55 2.48 -21.88
CA ARG A 152 -8.98 1.31 -21.09
C ARG A 152 -10.15 1.69 -20.19
N GLY A 153 -10.48 2.97 -20.17
CA GLY A 153 -11.32 3.56 -19.14
C GLY A 153 -12.67 2.98 -18.78
N ILE A 154 -12.98 3.14 -17.50
CA ILE A 154 -14.30 2.95 -16.88
C ILE A 154 -14.97 1.58 -16.96
N GLY A 155 -14.22 0.51 -17.21
CA GLY A 155 -14.43 -0.65 -16.40
C GLY A 155 -13.23 -0.56 -15.50
N PHE A 156 -12.26 0.19 -16.02
CA PHE A 156 -10.96 0.32 -15.42
C PHE A 156 -10.95 1.37 -14.35
N LEU A 157 -11.59 2.50 -14.68
CA LEU A 157 -11.59 3.68 -13.84
C LEU A 157 -12.19 3.29 -12.50
N LEU A 158 -13.25 2.51 -12.58
CA LEU A 158 -13.94 2.05 -11.39
C LEU A 158 -13.01 1.30 -10.45
N TYR A 159 -12.41 0.24 -10.98
CA TYR A 159 -11.49 -0.57 -10.22
C TYR A 159 -10.42 0.26 -9.53
N HIS A 160 -9.87 1.23 -10.22
CA HIS A 160 -8.78 2.00 -9.64
C HIS A 160 -9.18 2.72 -8.38
N ILE A 161 -10.28 3.45 -8.46
CA ILE A 161 -10.81 4.06 -7.27
C ILE A 161 -10.96 2.94 -6.23
N LEU A 162 -11.66 1.87 -6.61
CA LEU A 162 -11.87 0.77 -5.68
C LEU A 162 -10.52 0.30 -5.15
N ASN A 163 -9.56 0.21 -6.05
CA ASN A 163 -8.23 -0.18 -5.66
C ASN A 163 -7.61 0.81 -4.69
N GLU A 164 -7.57 2.08 -5.07
CA GLU A 164 -6.99 3.07 -4.19
C GLU A 164 -7.66 3.03 -2.85
N ILE A 165 -8.98 2.83 -2.83
CA ILE A 165 -9.65 2.72 -1.56
C ILE A 165 -9.03 1.56 -0.83
N THR A 166 -9.11 0.39 -1.47
CA THR A 166 -8.61 -0.84 -0.84
C THR A 166 -7.21 -0.63 -0.29
N ARG A 167 -6.41 0.13 -1.04
CA ARG A 167 -5.06 0.48 -0.63
C ARG A 167 -5.04 1.41 0.58
N SER A 168 -6.08 2.23 0.71
CA SER A 168 -6.26 3.02 1.93
C SER A 168 -6.29 2.05 3.09
N TYR A 169 -7.19 1.08 3.01
CA TYR A 169 -7.34 0.11 4.07
C TYR A 169 -6.03 -0.59 4.38
N SER A 170 -5.38 -1.07 3.32
CA SER A 170 -4.18 -1.88 3.46
C SER A 170 -3.06 -1.09 4.08
N ARG A 171 -3.04 0.20 3.80
CA ARG A 171 -2.04 1.07 4.37
C ARG A 171 -2.20 1.14 5.87
N ILE A 172 -3.44 1.27 6.31
CA ILE A 172 -3.74 1.52 7.71
C ILE A 172 -3.63 0.26 8.56
N LEU A 173 -4.00 -0.88 7.98
CA LEU A 173 -3.80 -2.14 8.67
C LEU A 173 -2.31 -2.34 8.98
N MET A 174 -1.47 -2.29 7.96
CA MET A 174 -0.06 -2.54 8.20
C MET A 174 0.41 -1.52 9.24
N ASN A 175 -0.16 -0.31 9.17
CA ASN A 175 0.09 0.72 10.16
C ASN A 175 -0.47 0.37 11.53
N LEU A 176 -1.75 0.07 11.59
CA LEU A 176 -2.34 -0.33 12.85
C LEU A 176 -1.51 -1.44 13.46
N GLU A 177 -0.97 -2.32 12.61
CA GLU A 177 -0.16 -3.44 13.06
C GLU A 177 1.01 -2.94 13.87
N ASP A 178 1.55 -1.79 13.48
CA ASP A 178 2.66 -1.18 14.22
C ASP A 178 2.22 -0.89 15.64
N GLU A 179 1.10 -0.20 15.76
CA GLU A 179 0.59 0.21 17.06
C GLU A 179 0.44 -1.01 17.95
N LEU A 180 0.22 -2.16 17.35
CA LEU A 180 0.09 -3.40 18.11
C LEU A 180 1.43 -3.79 18.71
N GLU A 181 2.45 -3.88 17.88
CA GLU A 181 3.79 -4.18 18.36
C GLU A 181 4.20 -3.17 19.44
N GLU A 182 3.91 -1.89 19.21
CA GLU A 182 4.22 -0.83 20.17
C GLU A 182 3.38 -0.98 21.44
N LEU A 183 2.23 -1.61 21.28
CA LEU A 183 1.32 -1.82 22.40
C LEU A 183 1.79 -2.95 23.30
N GLU A 184 2.39 -3.97 22.71
CA GLU A 184 2.89 -5.12 23.48
C GLU A 184 3.85 -4.71 24.62
N ASP A 185 4.67 -3.70 24.36
CA ASP A 185 5.59 -3.20 25.38
C ASP A 185 4.83 -2.45 26.47
N LYS A 186 3.90 -1.60 26.08
CA LYS A 186 3.22 -0.72 27.02
C LYS A 186 2.61 -1.55 28.16
N LEU A 187 2.46 -2.85 27.92
CA LEU A 187 1.94 -3.76 28.91
C LEU A 187 3.03 -4.23 29.88
N LEU A 188 4.29 -4.02 29.52
CA LEU A 188 5.39 -4.22 30.45
C LEU A 188 5.22 -3.18 31.55
N ALA A 189 4.70 -2.02 31.14
CA ALA A 189 4.32 -0.96 32.07
C ALA A 189 3.03 -1.34 32.79
N GLY A 190 2.45 -2.47 32.39
CA GLY A 190 1.28 -3.02 33.05
C GLY A 190 0.02 -2.21 32.82
N TYR A 191 -0.94 -2.33 33.73
CA TYR A 191 -2.29 -1.86 33.53
CA TYR A 191 -2.07 -1.43 33.84
C TYR A 191 -2.50 -0.68 32.55
N ASP A 192 -2.24 0.60 32.76
CA ASP A 192 -2.40 1.57 31.71
C ASP A 192 -3.81 1.60 31.15
N ARG A 193 -4.72 2.16 31.94
CA ARG A 193 -6.08 2.39 31.49
C ARG A 193 -5.98 3.09 30.15
N GLU A 194 -4.87 3.79 29.97
CA GLU A 194 -4.52 4.37 28.68
C GLU A 194 -4.46 3.27 27.61
N VAL A 195 -3.64 2.25 27.85
CA VAL A 195 -3.53 1.11 26.93
C VAL A 195 -4.90 0.52 26.62
N MET A 196 -5.64 0.19 27.66
CA MET A 196 -6.99 -0.33 27.51
C MET A 196 -7.86 0.50 26.58
N GLU A 197 -7.82 1.81 26.72
CA GLU A 197 -8.62 2.67 25.84
C GLU A 197 -8.03 2.67 24.44
N LYS A 198 -6.71 2.76 24.34
CA LYS A 198 -6.05 2.64 23.05
C LYS A 198 -6.45 1.33 22.41
N ILE A 199 -6.61 0.30 23.25
CA ILE A 199 -7.04 -1.01 22.77
C ILE A 199 -8.45 -0.92 22.24
N LEU A 200 -9.35 -0.40 23.06
CA LEU A 200 -10.73 -0.24 22.64
C LEU A 200 -10.80 0.68 21.43
N GLY A 201 -9.82 1.57 21.30
CA GLY A 201 -9.75 2.48 20.17
C GLY A 201 -9.43 1.77 18.87
N LEU A 202 -8.39 0.94 18.89
CA LEU A 202 -7.99 0.17 17.72
C LEU A 202 -8.94 -0.97 17.46
N ARG A 203 -9.80 -1.27 18.42
CA ARG A 203 -10.89 -2.23 18.20
C ARG A 203 -11.96 -1.54 17.38
N LYS A 204 -12.30 -0.33 17.81
CA LYS A 204 -13.28 0.50 17.16
C LYS A 204 -12.91 0.64 15.70
N THR A 205 -11.66 1.01 15.45
CA THR A 205 -11.21 1.17 14.07
C THR A 205 -11.45 -0.14 13.32
N LEU A 206 -10.86 -1.22 13.83
CA LEU A 206 -10.91 -2.55 13.23
C LEU A 206 -12.33 -3.03 12.94
N VAL A 207 -13.20 -2.89 13.93
CA VAL A 207 -14.60 -3.26 13.76
C VAL A 207 -15.19 -2.67 12.48
N TYR A 208 -14.92 -1.39 12.22
CA TYR A 208 -15.44 -0.67 11.06
C TYR A 208 -14.82 -1.23 9.78
N PHE A 209 -13.51 -1.43 9.82
CA PHE A 209 -12.81 -2.02 8.69
C PHE A 209 -13.36 -3.38 8.37
N HIS A 210 -13.60 -4.18 9.40
CA HIS A 210 -13.92 -5.56 9.12
C HIS A 210 -15.29 -5.65 8.49
N LYS A 211 -16.25 -4.99 9.13
CA LYS A 211 -17.57 -4.82 8.57
C LYS A 211 -17.45 -4.30 7.13
N SER A 212 -16.67 -3.22 6.97
CA SER A 212 -16.56 -2.52 5.69
C SER A 212 -15.97 -3.42 4.61
N LEU A 213 -14.84 -4.04 4.94
CA LEU A 213 -14.15 -4.91 4.01
C LEU A 213 -15.03 -6.08 3.66
N ILE A 214 -15.88 -6.49 4.61
CA ILE A 214 -16.85 -7.51 4.30
C ILE A 214 -17.77 -6.98 3.20
N ALA A 215 -18.40 -5.84 3.46
CA ALA A 215 -19.39 -5.26 2.55
C ALA A 215 -18.79 -4.86 1.20
N ASN A 216 -17.55 -4.35 1.22
CA ASN A 216 -16.81 -4.10 0.00
C ASN A 216 -16.60 -5.40 -0.75
N ARG A 217 -16.17 -6.41 0.01
CA ARG A 217 -15.79 -7.70 -0.55
C ARG A 217 -16.85 -8.24 -1.47
N ASP A 218 -18.08 -8.25 -1.00
CA ASP A 218 -19.19 -8.76 -1.77
C ASP A 218 -19.41 -7.90 -3.02
N VAL A 219 -19.39 -6.58 -2.86
CA VAL A 219 -19.46 -5.69 -4.01
C VAL A 219 -18.49 -6.17 -5.08
N LEU A 220 -17.25 -6.43 -4.66
CA LEU A 220 -16.21 -6.89 -5.57
C LEU A 220 -16.47 -8.31 -6.10
N VAL A 221 -17.07 -9.16 -5.28
CA VAL A 221 -17.45 -10.48 -5.77
C VAL A 221 -18.48 -10.34 -6.89
N LEU A 222 -19.37 -9.36 -6.75
CA LEU A 222 -20.35 -9.06 -7.80
C LEU A 222 -19.66 -8.60 -9.06
N LEU A 223 -18.86 -7.55 -8.93
CA LEU A 223 -18.17 -7.01 -10.07
C LEU A 223 -17.19 -8.04 -10.64
N LYS A 224 -16.68 -8.90 -9.78
CA LYS A 224 -15.68 -9.88 -10.20
C LYS A 224 -16.30 -11.01 -11.00
N ARG A 225 -17.63 -11.11 -10.95
CA ARG A 225 -18.33 -12.27 -11.49
C ARG A 225 -19.35 -11.89 -12.56
N LYS A 226 -20.33 -11.09 -12.15
CA LYS A 226 -21.42 -10.68 -13.01
C LYS A 226 -20.92 -9.95 -14.25
N TYR A 227 -21.35 -10.44 -15.42
CA TYR A 227 -21.13 -9.75 -16.68
C TYR A 227 -21.89 -8.42 -16.65
N LEU A 228 -21.24 -7.32 -16.96
CA LEU A 228 -21.88 -6.01 -16.86
C LEU A 228 -21.44 -5.10 -18.00
N PRO A 229 -22.36 -4.22 -18.44
CA PRO A 229 -22.06 -3.29 -19.53
C PRO A 229 -20.91 -2.38 -19.15
N ILE A 230 -20.83 -2.05 -17.86
CA ILE A 230 -19.80 -1.14 -17.40
C ILE A 230 -18.43 -1.83 -17.26
N THR A 231 -18.43 -3.14 -17.00
CA THR A 231 -17.17 -3.85 -16.84
C THR A 231 -16.88 -4.76 -18.02
N THR A 232 -15.60 -4.91 -18.35
CA THR A 232 -15.17 -5.87 -19.35
C THR A 232 -14.56 -7.11 -18.71
N LYS A 233 -14.14 -8.06 -19.53
CA LYS A 233 -13.52 -9.29 -19.03
C LYS A 233 -12.32 -8.96 -18.14
N GLU A 234 -11.57 -7.93 -18.54
CA GLU A 234 -10.31 -7.59 -17.89
C GLU A 234 -10.58 -6.83 -16.61
N ASP A 235 -11.67 -6.09 -16.59
CA ASP A 235 -12.07 -5.41 -15.36
C ASP A 235 -12.30 -6.44 -14.29
N ARG A 236 -13.01 -7.51 -14.65
CA ARG A 236 -13.44 -8.52 -13.70
C ARG A 236 -12.27 -9.30 -13.11
N GLU A 237 -11.26 -9.60 -13.94
CA GLU A 237 -10.02 -10.20 -13.43
C GLU A 237 -9.37 -9.21 -12.45
N ASN A 238 -9.37 -7.93 -12.85
CA ASN A 238 -8.87 -6.84 -12.02
C ASN A 238 -9.62 -6.67 -10.70
N PHE A 239 -10.91 -6.98 -10.71
CA PHE A 239 -11.67 -6.93 -9.47
C PHE A 239 -11.41 -8.17 -8.63
N GLU A 240 -10.91 -9.22 -9.29
CA GLU A 240 -10.62 -10.49 -8.64
C GLU A 240 -9.36 -10.34 -7.77
N ASP A 241 -8.34 -9.72 -8.36
CA ASP A 241 -7.17 -9.32 -7.60
C ASP A 241 -7.64 -8.52 -6.40
N LEU A 242 -8.43 -7.50 -6.68
CA LEU A 242 -8.93 -6.60 -5.66
C LEU A 242 -9.74 -7.39 -4.62
N TYR A 243 -10.51 -8.36 -5.09
CA TYR A 243 -11.21 -9.26 -4.20
C TYR A 243 -10.23 -9.97 -3.25
N TYR A 244 -9.13 -10.48 -3.82
CA TYR A 244 -8.11 -11.22 -3.05
C TYR A 244 -7.50 -10.44 -1.89
N ASP A 245 -7.11 -9.21 -2.16
CA ASP A 245 -6.46 -8.40 -1.15
C ASP A 245 -7.46 -7.98 -0.11
N THR A 246 -8.69 -7.71 -0.55
CA THR A 246 -9.80 -7.43 0.35
C THR A 246 -9.92 -8.54 1.38
N LEU A 247 -9.91 -9.77 0.89
CA LEU A 247 -9.89 -10.94 1.76
C LEU A 247 -8.66 -10.97 2.66
N GLN A 248 -7.49 -10.63 2.11
CA GLN A 248 -6.30 -10.49 2.96
C GLN A 248 -6.63 -9.52 4.11
N LEU A 249 -7.12 -8.35 3.74
CA LEU A 249 -7.33 -7.26 4.69
C LEU A 249 -8.30 -7.70 5.76
N ILE A 250 -9.37 -8.33 5.32
CA ILE A 250 -10.29 -8.92 6.28
C ILE A 250 -9.53 -9.87 7.19
N ASP A 251 -8.67 -10.69 6.62
CA ASP A 251 -7.85 -11.63 7.40
C ASP A 251 -7.00 -10.91 8.41
N MET A 252 -6.25 -9.91 7.94
CA MET A 252 -5.43 -9.11 8.83
C MET A 252 -6.33 -8.49 9.89
N SER A 253 -7.38 -7.80 9.44
CA SER A 253 -8.36 -7.26 10.37
C SER A 253 -8.77 -8.37 11.34
N ALA A 254 -9.10 -9.52 10.80
CA ALA A 254 -9.42 -10.64 11.67
C ALA A 254 -8.24 -10.91 12.61
N THR A 255 -7.08 -11.17 12.02
CA THR A 255 -5.90 -11.46 12.80
C THR A 255 -5.69 -10.42 13.91
N TYR A 256 -5.95 -9.16 13.58
CA TYR A 256 -5.63 -8.05 14.48
C TYR A 256 -6.62 -7.92 15.64
N ARG A 257 -7.91 -8.06 15.36
CA ARG A 257 -8.87 -8.08 16.45
C ARG A 257 -8.47 -9.20 17.40
N GLU A 258 -8.09 -10.35 16.84
CA GLU A 258 -7.63 -11.47 17.65
C GLU A 258 -6.63 -10.89 18.65
N VAL A 259 -5.52 -10.39 18.12
CA VAL A 259 -4.45 -9.85 18.96
C VAL A 259 -4.92 -8.81 19.99
N LEU A 260 -5.92 -8.02 19.64
CA LEU A 260 -6.46 -7.03 20.57
C LEU A 260 -7.40 -7.66 21.61
N THR A 261 -7.97 -8.82 21.31
CA THR A 261 -8.76 -9.53 22.31
C THR A 261 -7.82 -10.03 23.39
N SER A 262 -6.62 -10.46 22.99
CA SER A 262 -5.65 -10.99 23.93
C SER A 262 -5.11 -9.89 24.80
N MET A 263 -4.65 -8.82 24.16
CA MET A 263 -4.03 -7.73 24.87
C MET A 263 -5.02 -7.19 25.89
N MET A 264 -6.29 -7.12 25.48
CA MET A 264 -7.31 -6.64 26.40
C MET A 264 -7.35 -7.55 27.58
N ASP A 265 -7.55 -8.84 27.30
CA ASP A 265 -7.60 -9.84 28.37
C ASP A 265 -6.42 -9.56 29.28
N ILE A 266 -5.29 -9.24 28.69
CA ILE A 266 -4.08 -8.95 29.44
C ILE A 266 -4.24 -7.69 30.27
N THR A 267 -4.64 -6.60 29.64
CA THR A 267 -4.78 -5.35 30.35
C THR A 267 -5.63 -5.61 31.58
N LEU A 268 -6.53 -6.58 31.44
CA LEU A 268 -7.49 -6.95 32.48
C LEU A 268 -6.90 -7.82 33.59
N SER A 269 -5.97 -8.70 33.24
CA SER A 269 -5.27 -9.49 34.24
C SER A 269 -4.20 -8.67 35.00
N LEU A 270 -3.97 -7.44 34.54
CA LEU A 270 -3.13 -6.52 35.31
C LEU A 270 -3.95 -6.04 36.50
N GLU A 271 -5.00 -5.27 36.19
CA GLU A 271 -5.90 -4.77 37.22
C GLU A 271 -7.21 -4.26 36.59
N ASN A 272 -8.13 -3.83 37.44
CA ASN A 272 -9.44 -3.26 37.05
C ASN A 272 -10.55 -3.59 38.06
N MET B 23 23.62 -6.40 23.08
CA MET B 23 23.31 -6.33 21.66
C MET B 23 22.70 -7.63 21.17
N ILE B 24 21.39 -7.81 21.37
CA ILE B 24 20.74 -9.01 20.89
C ILE B 24 21.03 -9.10 19.41
N THR B 25 21.59 -10.23 18.97
CA THR B 25 21.72 -10.51 17.55
C THR B 25 20.99 -11.81 17.28
N VAL B 26 19.95 -11.73 16.46
CA VAL B 26 18.96 -12.79 16.36
C VAL B 26 19.46 -14.04 15.63
N ILE B 27 20.13 -13.87 14.51
CA ILE B 27 20.66 -15.01 13.78
C ILE B 27 19.50 -15.89 13.33
N ALA B 28 18.34 -15.28 13.11
CA ALA B 28 17.15 -16.00 12.69
C ALA B 28 17.29 -16.42 11.23
N ILE B 29 16.84 -17.62 10.92
CA ILE B 29 16.83 -18.10 9.53
C ILE B 29 15.47 -18.74 9.22
N ALA B 30 14.81 -18.31 8.15
CA ALA B 30 13.48 -18.83 7.80
C ALA B 30 13.44 -19.51 6.43
N LYS B 31 13.13 -20.81 6.42
CA LYS B 31 13.24 -21.68 5.23
C LYS B 31 11.89 -22.14 4.67
N ASP B 32 11.85 -22.43 3.37
CA ASP B 32 10.62 -22.87 2.71
C ASP B 32 10.87 -23.91 1.59
N GLY B 33 9.82 -24.27 0.84
CA GLY B 33 9.96 -25.31 -0.17
C GLY B 33 8.77 -25.68 -1.06
N SER B 34 8.82 -26.88 -1.63
CA SER B 34 7.91 -27.38 -2.68
C SER B 34 6.50 -27.72 -2.19
N ILE B 35 5.68 -28.31 -3.06
CA ILE B 35 4.26 -28.39 -2.79
C ILE B 35 3.88 -29.35 -1.67
N VAL B 36 3.26 -28.81 -0.63
CA VAL B 36 3.37 -27.38 -0.32
C VAL B 36 3.62 -27.19 1.18
N GLU B 37 3.81 -25.94 1.62
CA GLU B 37 3.89 -25.56 3.04
C GLU B 37 4.92 -26.24 3.98
N PRO B 38 6.20 -26.34 3.53
CA PRO B 38 7.40 -26.84 4.25
C PRO B 38 8.09 -25.85 5.20
N LYS B 39 8.85 -26.35 6.17
CA LYS B 39 9.87 -25.56 6.90
C LYS B 39 10.98 -26.48 7.39
N LEU B 40 12.22 -25.98 7.47
CA LEU B 40 13.36 -26.85 7.72
C LEU B 40 14.65 -26.07 8.03
N ASP B 41 15.77 -26.75 8.34
CA ASP B 41 17.09 -26.07 8.33
C ASP B 41 18.24 -26.77 7.59
N GLU B 42 18.68 -27.91 8.12
CA GLU B 42 19.78 -28.61 7.47
C GLU B 42 19.10 -29.58 6.52
N ILE B 43 19.26 -29.30 5.23
CA ILE B 43 18.29 -29.71 4.22
C ILE B 43 18.88 -30.10 2.88
N SER B 44 18.05 -30.78 2.08
CA SER B 44 18.42 -31.23 0.74
C SER B 44 18.14 -30.14 -0.29
N PHE B 45 16.88 -29.77 -0.38
CA PHE B 45 16.37 -28.83 -1.36
C PHE B 45 16.53 -29.25 -2.82
N GLU B 46 16.69 -30.55 -3.01
CA GLU B 46 16.43 -31.16 -4.30
C GLU B 46 15.03 -31.76 -4.25
N ASP B 47 14.41 -31.67 -3.07
CA ASP B 47 13.07 -32.20 -2.86
C ASP B 47 12.06 -31.09 -3.08
N TYR B 48 12.56 -29.92 -3.46
CA TYR B 48 11.73 -28.72 -3.48
C TYR B 48 11.73 -28.03 -4.82
N ARG B 49 10.58 -27.42 -5.13
CA ARG B 49 10.41 -26.63 -6.34
C ARG B 49 11.30 -25.39 -6.29
N LEU B 50 11.16 -24.60 -5.22
CA LEU B 50 12.08 -23.51 -4.96
C LEU B 50 12.44 -23.54 -3.48
N ILE B 51 13.33 -22.65 -3.05
CA ILE B 51 13.61 -22.49 -1.62
C ILE B 51 13.84 -21.02 -1.28
N TRP B 52 13.15 -20.56 -0.25
CA TRP B 52 13.43 -19.25 0.31
C TRP B 52 14.03 -19.44 1.71
N ILE B 53 15.30 -19.11 1.84
CA ILE B 53 15.91 -19.06 3.16
C ILE B 53 16.05 -17.62 3.52
N ASP B 54 15.31 -17.18 4.54
CA ASP B 54 15.48 -15.82 5.00
C ASP B 54 16.45 -15.83 6.15
N CYS B 55 17.63 -15.28 5.90
CA CYS B 55 18.68 -15.32 6.89
C CYS B 55 18.85 -13.94 7.47
N TYR B 56 18.45 -13.79 8.73
CA TYR B 56 18.41 -12.50 9.36
C TYR B 56 19.61 -12.30 10.27
N ASP B 57 20.49 -11.38 9.88
CA ASP B 57 21.49 -10.86 10.79
C ASP B 57 22.14 -11.94 11.66
N PRO B 58 22.87 -12.87 11.01
CA PRO B 58 23.46 -14.09 11.58
C PRO B 58 24.68 -13.86 12.47
N LYS B 59 24.80 -14.67 13.52
CA LYS B 59 26.02 -14.67 14.30
C LYS B 59 27.11 -15.14 13.34
N ASP B 60 28.36 -14.82 13.63
CA ASP B 60 29.44 -15.23 12.73
C ASP B 60 29.50 -16.75 12.59
N GLU B 61 28.95 -17.47 13.58
CA GLU B 61 28.94 -18.93 13.53
C GLU B 61 27.83 -19.48 12.60
N GLU B 62 26.61 -18.95 12.72
CA GLU B 62 25.51 -19.43 11.86
C GLU B 62 25.65 -18.96 10.41
N LEU B 63 26.55 -18.01 10.20
CA LEU B 63 26.80 -17.53 8.85
C LEU B 63 27.49 -18.58 8.02
N TYR B 64 28.59 -19.13 8.52
CA TYR B 64 29.30 -20.20 7.82
C TYR B 64 28.38 -21.40 7.69
N LYS B 65 27.52 -21.58 8.69
CA LYS B 65 26.56 -22.67 8.68
C LYS B 65 25.85 -22.62 7.35
N LEU B 66 25.64 -21.40 6.86
CA LEU B 66 24.98 -21.20 5.58
C LEU B 66 25.89 -21.49 4.39
N SER B 67 27.10 -20.95 4.44
CA SER B 67 28.07 -21.18 3.36
C SER B 67 28.19 -22.66 3.07
N LYS B 68 28.39 -23.44 4.13
CA LYS B 68 28.52 -24.88 4.00
C LYS B 68 27.35 -25.38 3.19
N LYS B 69 26.15 -24.92 3.55
CA LYS B 69 24.88 -25.40 3.00
C LYS B 69 24.67 -25.19 1.50
N ILE B 70 24.69 -23.93 1.07
CA ILE B 70 24.21 -23.56 -0.26
C ILE B 70 25.27 -23.45 -1.34
N GLY B 71 26.53 -23.64 -0.96
CA GLY B 71 27.61 -23.49 -1.91
C GLY B 71 27.79 -22.02 -2.29
N ILE B 72 27.23 -21.14 -1.48
CA ILE B 72 27.50 -19.71 -1.62
C ILE B 72 28.49 -19.29 -0.53
N SER B 73 29.66 -18.82 -0.97
CA SER B 73 30.74 -18.46 -0.06
C SER B 73 30.40 -17.25 0.80
N VAL B 74 31.10 -17.10 1.92
CA VAL B 74 30.83 -16.04 2.87
C VAL B 74 31.23 -14.66 2.33
N SER B 75 32.36 -14.60 1.62
CA SER B 75 32.72 -13.37 0.94
C SER B 75 31.60 -12.96 -0.01
N ASP B 76 31.23 -13.86 -0.92
CA ASP B 76 30.10 -13.61 -1.82
C ASP B 76 28.84 -13.29 -1.01
N LEU B 77 28.70 -13.93 0.15
CA LEU B 77 27.54 -13.69 1.00
C LEU B 77 27.67 -12.41 1.81
N GLN B 78 28.86 -12.15 2.33
CA GLN B 78 29.09 -11.03 3.22
C GLN B 78 28.65 -9.74 2.54
N ILE B 79 28.58 -9.80 1.21
CA ILE B 79 28.15 -8.66 0.41
C ILE B 79 26.70 -8.29 0.72
N GLY B 80 25.80 -9.25 0.59
CA GLY B 80 24.39 -9.01 0.81
C GLY B 80 24.11 -8.71 2.27
N LEU B 81 25.15 -8.82 3.08
CA LEU B 81 25.05 -8.46 4.50
C LEU B 81 25.43 -7.03 4.77
N ASP B 82 26.02 -6.33 3.79
CA ASP B 82 26.40 -4.95 4.01
C ASP B 82 25.23 -4.09 3.59
N GLU B 83 24.62 -3.46 4.59
CA GLU B 83 23.33 -2.83 4.41
C GLU B 83 23.59 -1.47 3.78
N GLN B 84 24.86 -1.17 3.56
CA GLN B 84 25.29 0.00 2.79
C GLN B 84 25.60 -0.30 1.31
N GLU B 85 25.43 -1.55 0.91
CA GLU B 85 25.71 -1.95 -0.48
C GLU B 85 24.75 -1.29 -1.46
N ILE B 86 25.27 -0.79 -2.58
CA ILE B 86 24.43 -0.16 -3.59
C ILE B 86 23.61 -1.18 -4.37
N PRO B 87 22.28 -0.96 -4.44
CA PRO B 87 21.41 -1.89 -5.18
C PRO B 87 21.98 -2.15 -6.55
N ARG B 88 21.96 -3.43 -6.92
CA ARG B 88 22.51 -3.82 -8.19
C ARG B 88 22.17 -5.26 -8.47
N VAL B 89 22.65 -5.76 -9.59
CA VAL B 89 22.61 -7.18 -9.85
C VAL B 89 24.01 -7.65 -10.24
N GLU B 90 24.53 -8.63 -9.53
CA GLU B 90 25.76 -9.28 -9.93
C GLU B 90 25.32 -10.65 -10.45
N GLU B 91 26.01 -11.13 -11.48
CA GLU B 91 25.52 -12.29 -12.21
C GLU B 91 26.29 -13.57 -11.91
N ASP B 92 25.88 -14.64 -12.57
CA ASP B 92 26.19 -15.98 -12.11
C ASP B 92 27.69 -16.22 -11.92
N GLU B 93 28.05 -16.66 -10.73
CA GLU B 93 29.24 -17.47 -10.58
C GLU B 93 28.67 -18.86 -10.32
N ASP B 94 28.21 -19.11 -9.09
CA ASP B 94 27.27 -20.19 -8.83
C ASP B 94 25.82 -19.71 -8.71
N PHE B 95 25.62 -18.39 -8.79
CA PHE B 95 24.35 -17.80 -8.36
C PHE B 95 24.20 -16.34 -8.80
N TYR B 96 23.04 -15.77 -8.48
CA TYR B 96 22.72 -14.37 -8.79
C TYR B 96 22.60 -13.52 -7.54
N LEU B 97 23.07 -12.29 -7.61
CA LEU B 97 22.94 -11.40 -6.46
C LEU B 97 22.16 -10.12 -6.81
N ILE B 98 21.13 -9.83 -6.03
CA ILE B 98 20.39 -8.58 -6.16
C ILE B 98 20.49 -7.79 -4.87
N ILE B 99 21.18 -6.66 -4.93
CA ILE B 99 21.17 -5.76 -3.79
C ILE B 99 19.94 -4.88 -3.95
N TYR B 100 19.09 -4.88 -2.94
CA TYR B 100 17.90 -4.05 -3.01
C TYR B 100 17.82 -3.18 -1.77
N LYS B 101 17.16 -2.03 -1.91
CA LYS B 101 16.95 -1.14 -0.76
C LYS B 101 15.55 -1.26 -0.17
N ALA B 102 15.50 -1.42 1.14
CA ALA B 102 14.24 -1.47 1.82
C ALA B 102 14.30 -0.37 2.85
N PRO B 103 13.14 0.13 3.25
CA PRO B 103 13.05 1.12 4.32
C PRO B 103 13.65 0.56 5.61
N LEU B 104 14.15 1.46 6.45
CA LEU B 104 14.66 1.09 7.76
C LEU B 104 14.10 2.07 8.79
N PHE B 105 13.36 1.53 9.75
CA PHE B 105 12.50 2.32 10.61
C PHE B 105 13.13 2.46 11.99
N GLU B 106 13.40 3.71 12.38
CA GLU B 106 14.17 3.99 13.59
C GLU B 106 13.74 5.34 14.15
N GLU B 107 14.49 5.88 15.10
CA GLU B 107 14.15 7.18 15.66
C GLU B 107 13.84 8.12 14.48
N ASP B 108 14.62 8.01 13.41
CA ASP B 108 14.17 8.52 12.13
C ASP B 108 14.19 7.37 11.13
N ILE B 109 13.23 7.38 10.21
CA ILE B 109 13.15 6.37 9.17
C ILE B 109 14.23 6.54 8.12
N THR B 110 14.68 5.43 7.56
CA THR B 110 15.86 5.35 6.71
C THR B 110 15.63 4.28 5.65
N THR B 111 16.68 3.89 4.95
CA THR B 111 16.62 2.68 4.15
C THR B 111 17.77 1.78 4.51
N THR B 112 17.71 0.53 4.06
CA THR B 112 18.72 -0.48 4.37
C THR B 112 18.75 -1.49 3.21
N SER B 113 19.88 -2.18 3.03
CA SER B 113 20.08 -3.05 1.86
C SER B 113 19.93 -4.53 2.18
N LEU B 114 18.92 -5.17 1.58
CA LEU B 114 18.85 -6.62 1.64
C LEU B 114 19.62 -7.23 0.47
N GLY B 115 20.44 -8.23 0.75
CA GLY B 115 20.98 -9.03 -0.32
C GLY B 115 20.01 -10.13 -0.66
N ILE B 116 19.89 -10.44 -1.94
CA ILE B 116 19.05 -11.55 -2.37
C ILE B 116 19.81 -12.40 -3.35
N TYR B 117 20.05 -13.65 -2.99
CA TYR B 117 20.80 -14.53 -3.87
C TYR B 117 19.89 -15.63 -4.38
N ILE B 118 19.87 -15.78 -5.70
CA ILE B 118 19.11 -16.82 -6.34
C ILE B 118 20.08 -17.82 -6.91
N LYS B 119 20.14 -19.00 -6.33
CA LYS B 119 20.97 -20.04 -6.89
C LYS B 119 20.05 -21.15 -7.36
N ASN B 120 19.92 -21.30 -8.68
CA ASN B 120 19.05 -22.35 -9.20
C ASN B 120 17.70 -22.28 -8.50
N ASN B 121 17.35 -23.33 -7.77
CA ASN B 121 16.04 -23.43 -7.14
C ASN B 121 15.99 -22.80 -5.75
N LEU B 122 17.06 -22.16 -5.33
CA LEU B 122 17.10 -21.54 -4.01
C LEU B 122 17.15 -20.02 -4.02
N LEU B 123 16.22 -19.39 -3.32
CA LEU B 123 16.23 -17.94 -3.11
C LEU B 123 16.57 -17.63 -1.65
N LEU B 124 17.57 -16.80 -1.45
CA LEU B 124 17.97 -16.40 -0.12
C LEU B 124 17.81 -14.90 0.07
N THR B 125 17.26 -14.53 1.22
CA THR B 125 17.30 -13.15 1.64
C THR B 125 18.29 -13.06 2.78
N ILE B 126 19.17 -12.08 2.73
CA ILE B 126 20.15 -11.92 3.78
C ILE B 126 20.34 -10.44 4.15
N HIS B 127 20.13 -10.10 5.42
CA HIS B 127 20.15 -8.70 5.84
C HIS B 127 20.49 -8.45 7.31
N SER B 128 21.04 -7.28 7.59
CA SER B 128 21.40 -6.84 8.94
C SER B 128 20.24 -6.30 9.78
N ASP B 129 19.35 -5.59 9.13
CA ASP B 129 18.22 -4.97 9.82
C ASP B 129 17.01 -5.77 9.41
N LYS B 130 16.01 -5.88 10.26
CA LYS B 130 14.82 -6.56 9.78
C LYS B 130 14.17 -5.74 8.67
N ILE B 131 13.80 -6.42 7.60
CA ILE B 131 13.07 -5.80 6.51
C ILE B 131 11.61 -6.19 6.69
N LYS B 132 10.79 -5.21 7.06
CA LYS B 132 9.41 -5.50 7.44
C LYS B 132 8.75 -6.27 6.32
N ALA B 133 9.12 -5.95 5.09
CA ALA B 133 8.52 -6.63 3.94
C ALA B 133 8.70 -8.14 4.08
N ILE B 134 9.86 -8.57 4.56
CA ILE B 134 10.13 -9.99 4.70
C ILE B 134 9.28 -10.62 5.78
N GLY B 135 9.30 -10.02 6.97
CA GLY B 135 8.54 -10.53 8.09
C GLY B 135 7.06 -10.65 7.80
N ARG B 136 6.57 -9.82 6.89
CA ARG B 136 5.17 -9.88 6.48
C ARG B 136 4.89 -11.17 5.75
N LEU B 137 5.65 -11.42 4.69
CA LEU B 137 5.53 -12.67 3.96
C LEU B 137 5.65 -13.81 4.95
N HIS B 138 6.72 -13.78 5.74
CA HIS B 138 6.95 -14.81 6.74
C HIS B 138 5.73 -15.04 7.61
N LYS B 139 5.25 -13.96 8.22
CA LYS B 139 4.08 -14.01 9.09
C LYS B 139 2.90 -14.48 8.27
N LEU B 140 2.72 -13.85 7.12
CA LEU B 140 1.70 -14.25 6.17
C LEU B 140 1.96 -15.71 5.80
N ILE B 141 3.15 -15.97 5.29
CA ILE B 141 3.49 -17.28 4.79
C ILE B 141 3.19 -18.39 5.79
N SER B 142 3.46 -18.14 7.06
CA SER B 142 3.13 -19.12 8.09
C SER B 142 1.63 -19.12 8.39
N THR B 143 0.96 -18.01 8.11
CA THR B 143 -0.49 -17.91 8.31
C THR B 143 -1.26 -18.34 7.06
N LYS B 144 -0.53 -18.52 5.96
CA LYS B 144 -1.14 -18.82 4.66
C LYS B 144 -1.33 -20.30 4.42
N LYS B 145 -2.45 -20.66 3.80
CA LYS B 145 -2.80 -22.05 3.56
C LYS B 145 -1.84 -22.72 2.57
N PRO B 146 -2.04 -24.02 2.31
CA PRO B 146 -1.26 -24.77 1.30
C PRO B 146 -1.56 -24.29 -0.11
N ARG B 147 -2.67 -23.58 -0.28
CA ARG B 147 -3.25 -23.33 -1.60
C ARG B 147 -2.47 -22.39 -2.54
N ILE B 148 -2.07 -21.22 -2.06
CA ILE B 148 -1.46 -20.21 -2.92
C ILE B 148 -0.30 -20.79 -3.74
N VAL B 149 -0.30 -20.53 -5.05
CA VAL B 149 0.66 -21.17 -5.95
C VAL B 149 1.90 -20.34 -6.21
N PHE B 150 3.02 -20.79 -5.65
CA PHE B 150 4.34 -20.23 -5.95
C PHE B 150 5.11 -21.06 -6.96
N GLU B 151 4.46 -22.12 -7.48
CA GLU B 151 5.11 -23.02 -8.42
C GLU B 151 5.57 -22.23 -9.65
N ARG B 152 5.06 -21.01 -9.76
CA ARG B 152 5.47 -20.06 -10.80
C ARG B 152 6.84 -19.48 -10.44
N GLY B 153 7.29 -19.82 -9.24
CA GLY B 153 8.22 -18.97 -8.53
C GLY B 153 9.64 -18.75 -8.94
N ILE B 154 10.29 -17.98 -8.08
CA ILE B 154 11.69 -17.60 -8.11
C ILE B 154 12.11 -16.80 -9.33
N GLY B 155 11.17 -16.26 -10.10
CA GLY B 155 11.25 -14.87 -10.47
C GLY B 155 10.12 -14.28 -9.67
N PHE B 156 9.24 -15.18 -9.25
CA PHE B 156 7.96 -14.80 -8.71
C PHE B 156 8.17 -14.39 -7.28
N LEU B 157 8.87 -15.26 -6.57
CA LEU B 157 9.18 -15.05 -5.17
C LEU B 157 9.94 -13.76 -5.07
N LEU B 158 11.05 -13.68 -5.78
CA LEU B 158 11.83 -12.48 -5.79
C LEU B 158 10.87 -11.35 -6.05
N TYR B 159 9.97 -11.55 -7.00
CA TYR B 159 9.10 -10.47 -7.41
C TYR B 159 8.31 -9.93 -6.25
N HIS B 160 7.70 -10.82 -5.49
CA HIS B 160 6.89 -10.41 -4.35
C HIS B 160 7.72 -9.71 -3.31
N ILE B 161 8.96 -10.17 -3.16
CA ILE B 161 9.84 -9.58 -2.18
C ILE B 161 10.10 -8.11 -2.52
N LEU B 162 10.25 -7.81 -3.80
CA LEU B 162 10.46 -6.42 -4.19
C LEU B 162 9.13 -5.70 -4.13
N ASN B 163 8.11 -6.33 -4.68
CA ASN B 163 6.77 -5.80 -4.61
C ASN B 163 6.43 -5.38 -3.18
N GLU B 164 6.75 -6.23 -2.22
CA GLU B 164 6.46 -5.92 -0.82
C GLU B 164 7.30 -4.76 -0.32
N ILE B 165 8.61 -4.85 -0.45
CA ILE B 165 9.47 -3.76 -0.02
C ILE B 165 8.92 -2.47 -0.56
N THR B 166 8.59 -2.50 -1.84
CA THR B 166 7.97 -1.36 -2.50
C THR B 166 6.77 -0.89 -1.68
N ARG B 167 5.87 -1.82 -1.40
CA ARG B 167 4.69 -1.49 -0.60
C ARG B 167 5.10 -0.81 0.68
N SER B 168 6.21 -1.25 1.26
CA SER B 168 6.77 -0.56 2.42
C SER B 168 7.02 0.89 2.07
N TYR B 169 7.76 1.12 1.00
CA TYR B 169 8.01 2.50 0.62
C TYR B 169 6.70 3.22 0.40
N SER B 170 5.87 2.65 -0.46
CA SER B 170 4.59 3.24 -0.82
C SER B 170 3.87 3.65 0.44
N ARG B 171 3.97 2.79 1.45
CA ARG B 171 3.23 3.00 2.68
C ARG B 171 3.79 4.20 3.45
N ILE B 172 5.10 4.20 3.68
CA ILE B 172 5.76 5.29 4.38
C ILE B 172 5.49 6.64 3.71
N LEU B 173 5.56 6.66 2.39
CA LEU B 173 5.23 7.86 1.63
C LEU B 173 3.79 8.31 1.86
N MET B 174 2.88 7.35 1.97
CA MET B 174 1.48 7.66 2.24
C MET B 174 1.29 8.35 3.61
N ASN B 175 2.02 7.87 4.64
CA ASN B 175 1.95 8.47 5.98
C ASN B 175 2.73 9.76 6.02
N LEU B 176 3.72 9.86 5.15
CA LEU B 176 4.54 11.05 5.12
C LEU B 176 3.67 12.16 4.55
N GLU B 177 2.99 11.90 3.43
CA GLU B 177 2.06 12.90 2.92
C GLU B 177 1.04 13.24 3.99
N ASP B 178 0.78 12.29 4.88
CA ASP B 178 -0.07 12.56 6.03
C ASP B 178 0.62 13.58 6.92
N GLU B 179 1.90 13.34 7.23
CA GLU B 179 2.68 14.23 8.09
C GLU B 179 2.76 15.64 7.49
N LEU B 180 3.00 15.71 6.19
CA LEU B 180 3.10 16.99 5.52
C LEU B 180 1.84 17.82 5.75
N GLU B 181 0.68 17.17 5.76
CA GLU B 181 -0.58 17.87 5.92
C GLU B 181 -0.70 18.47 7.31
N GLU B 182 -0.38 17.71 8.35
CA GLU B 182 -0.48 18.25 9.70
C GLU B 182 0.49 19.43 9.83
N LEU B 183 1.72 19.20 9.37
CA LEU B 183 2.80 20.17 9.43
C LEU B 183 2.40 21.50 8.80
N GLU B 184 1.66 21.43 7.70
CA GLU B 184 1.23 22.64 6.99
C GLU B 184 0.37 23.58 7.85
N ASP B 185 -0.53 23.00 8.64
CA ASP B 185 -1.31 23.81 9.57
C ASP B 185 -0.49 24.16 10.83
N LYS B 186 0.48 23.32 11.17
CA LYS B 186 1.37 23.60 12.28
C LYS B 186 2.28 24.76 11.93
N LEU B 187 2.26 25.17 10.66
CA LEU B 187 3.03 26.33 10.22
C LEU B 187 2.40 27.64 10.69
N LEU B 188 1.11 27.58 11.01
CA LEU B 188 0.40 28.74 11.53
C LEU B 188 1.02 29.24 12.82
N ALA B 189 1.79 28.37 13.48
CA ALA B 189 2.57 28.77 14.65
C ALA B 189 3.83 29.51 14.21
N GLY B 190 4.53 28.96 13.24
CA GLY B 190 5.69 29.63 12.67
C GLY B 190 6.87 29.64 13.62
N TYR B 191 8.03 30.06 13.11
CA TYR B 191 9.20 30.43 13.92
C TYR B 191 9.61 29.29 14.82
N ASP B 192 9.20 28.06 14.49
CA ASP B 192 9.17 27.03 15.52
C ASP B 192 10.39 26.12 15.49
N ARG B 193 10.94 25.87 16.68
CA ARG B 193 12.10 25.01 16.78
C ARG B 193 11.73 23.62 16.28
N GLU B 194 10.60 23.13 16.75
CA GLU B 194 10.18 21.76 16.47
C GLU B 194 9.92 21.52 14.99
N VAL B 195 9.40 22.52 14.30
CA VAL B 195 9.02 22.36 12.90
C VAL B 195 10.22 22.10 12.01
N MET B 196 11.21 23.00 12.05
CA MET B 196 12.43 22.83 11.27
C MET B 196 13.01 21.44 11.50
N GLU B 197 13.04 21.03 12.76
CA GLU B 197 13.64 19.76 13.17
C GLU B 197 12.88 18.55 12.61
N LYS B 198 11.55 18.64 12.59
CA LYS B 198 10.77 17.57 11.99
C LYS B 198 10.78 17.67 10.48
N ILE B 199 10.75 18.89 9.96
CA ILE B 199 10.84 19.07 8.50
C ILE B 199 12.04 18.31 7.98
N LEU B 200 13.20 18.61 8.57
CA LEU B 200 14.45 18.04 8.10
C LEU B 200 14.43 16.53 8.28
N GLY B 201 14.02 16.08 9.46
CA GLY B 201 13.95 14.66 9.72
C GLY B 201 13.24 14.01 8.56
N LEU B 202 12.18 14.67 8.08
CA LEU B 202 11.39 14.19 6.94
C LEU B 202 12.16 14.33 5.64
N ARG B 203 12.89 15.42 5.51
CA ARG B 203 13.81 15.60 4.38
C ARG B 203 14.77 14.44 4.36
N LYS B 204 15.20 14.01 5.53
CA LYS B 204 16.22 12.96 5.62
C LYS B 204 15.67 11.67 5.05
N THR B 205 14.53 11.24 5.55
CA THR B 205 13.88 10.04 5.02
C THR B 205 13.69 10.18 3.51
N LEU B 206 13.18 11.34 3.09
CA LEU B 206 12.89 11.58 1.68
C LEU B 206 14.15 11.45 0.84
N VAL B 207 15.29 11.81 1.42
CA VAL B 207 16.58 11.68 0.75
C VAL B 207 16.94 10.22 0.61
N TYR B 208 16.92 9.50 1.73
CA TYR B 208 17.18 8.07 1.71
C TYR B 208 16.34 7.35 0.65
N PHE B 209 15.03 7.61 0.65
CA PHE B 209 14.11 6.95 -0.29
C PHE B 209 14.47 7.26 -1.72
N HIS B 210 14.42 8.54 -2.04
CA HIS B 210 14.60 9.00 -3.40
C HIS B 210 15.86 8.36 -3.94
N LYS B 211 16.90 8.34 -3.11
CA LYS B 211 18.17 7.77 -3.52
C LYS B 211 18.03 6.25 -3.70
N SER B 212 17.25 5.63 -2.82
CA SER B 212 17.07 4.18 -2.84
C SER B 212 16.08 3.67 -3.90
N LEU B 213 14.91 4.29 -4.00
CA LEU B 213 13.93 3.85 -5.00
C LEU B 213 14.50 4.03 -6.40
N ILE B 214 15.47 4.93 -6.51
CA ILE B 214 16.11 5.22 -7.79
C ILE B 214 17.13 4.15 -8.10
N ALA B 215 17.85 3.75 -7.05
CA ALA B 215 18.79 2.63 -7.10
C ALA B 215 18.03 1.34 -7.36
N ASN B 216 16.99 1.11 -6.56
CA ASN B 216 16.06 0.01 -6.77
C ASN B 216 15.39 0.11 -8.14
N ARG B 217 15.04 1.33 -8.55
CA ARG B 217 14.49 1.52 -9.88
C ARG B 217 15.51 1.02 -10.90
N ASP B 218 16.78 1.22 -10.59
CA ASP B 218 17.83 0.81 -11.52
C ASP B 218 18.07 -0.69 -11.49
N VAL B 219 17.69 -1.33 -10.39
CA VAL B 219 17.71 -2.78 -10.33
C VAL B 219 16.49 -3.34 -11.06
N LEU B 220 15.33 -2.70 -10.84
CA LEU B 220 14.09 -3.02 -11.56
C LEU B 220 14.26 -2.84 -13.05
N VAL B 221 15.01 -1.81 -13.45
CA VAL B 221 15.20 -1.54 -14.87
C VAL B 221 15.72 -2.79 -15.55
N LEU B 222 16.74 -3.39 -14.97
CA LEU B 222 17.36 -4.57 -15.55
C LEU B 222 16.39 -5.76 -15.50
N LEU B 223 15.65 -5.87 -14.41
CA LEU B 223 14.83 -7.06 -14.15
C LEU B 223 13.58 -7.16 -15.01
N LYS B 224 13.07 -6.03 -15.47
CA LYS B 224 11.89 -6.02 -16.34
C LYS B 224 12.30 -6.24 -17.79
N ARG B 225 13.60 -6.19 -18.05
CA ARG B 225 14.11 -6.24 -19.40
C ARG B 225 14.97 -7.47 -19.64
N LYS B 226 16.10 -7.53 -18.94
CA LYS B 226 17.12 -8.53 -19.22
C LYS B 226 16.53 -9.94 -19.20
N TYR B 227 16.81 -10.70 -20.26
CA TYR B 227 16.42 -12.09 -20.32
C TYR B 227 17.29 -12.85 -19.33
N LEU B 228 16.68 -13.57 -18.40
CA LEU B 228 17.44 -14.20 -17.34
C LEU B 228 16.93 -15.59 -17.02
N PRO B 229 17.84 -16.50 -16.63
CA PRO B 229 17.42 -17.85 -16.25
C PRO B 229 16.40 -17.71 -15.13
N ILE B 230 16.74 -16.84 -14.19
CA ILE B 230 15.94 -16.58 -13.02
C ILE B 230 14.58 -15.96 -13.39
N THR B 231 14.56 -15.12 -14.42
CA THR B 231 13.31 -14.49 -14.83
C THR B 231 12.63 -15.17 -16.03
N THR B 232 11.33 -15.35 -15.92
CA THR B 232 10.52 -15.74 -17.07
C THR B 232 9.90 -14.47 -17.63
N LYS B 233 9.14 -14.58 -18.72
CA LYS B 233 8.47 -13.42 -19.30
C LYS B 233 7.40 -12.91 -18.35
N GLU B 234 6.70 -13.83 -17.69
CA GLU B 234 5.60 -13.47 -16.82
C GLU B 234 6.11 -12.68 -15.62
N ASP B 235 7.28 -13.10 -15.10
CA ASP B 235 7.94 -12.38 -14.02
C ASP B 235 8.48 -11.05 -14.55
N ARG B 236 9.05 -11.09 -15.75
CA ARG B 236 9.56 -9.89 -16.42
C ARG B 236 8.43 -8.88 -16.63
N GLU B 237 7.21 -9.39 -16.81
CA GLU B 237 6.02 -8.56 -16.90
C GLU B 237 5.84 -7.76 -15.61
N ASN B 238 5.90 -8.48 -14.50
CA ASN B 238 5.75 -7.90 -13.17
C ASN B 238 6.68 -6.71 -12.89
N PHE B 239 7.96 -6.90 -13.15
CA PHE B 239 8.94 -5.87 -12.80
C PHE B 239 8.71 -4.54 -13.52
N GLU B 240 8.02 -4.58 -14.66
CA GLU B 240 7.66 -3.35 -15.37
C GLU B 240 6.61 -2.60 -14.56
N ASP B 241 5.63 -3.35 -14.04
CA ASP B 241 4.67 -2.83 -13.08
C ASP B 241 5.42 -2.24 -11.91
N LEU B 242 6.24 -3.09 -11.29
CA LEU B 242 7.03 -2.68 -10.14
C LEU B 242 7.98 -1.52 -10.47
N TYR B 243 8.58 -1.55 -11.66
CA TYR B 243 9.34 -0.42 -12.17
C TYR B 243 8.52 0.87 -12.18
N TYR B 244 7.31 0.81 -12.75
CA TYR B 244 6.48 2.01 -12.88
C TYR B 244 5.86 2.41 -11.56
N ASP B 245 5.67 1.44 -10.67
CA ASP B 245 5.18 1.76 -9.34
C ASP B 245 6.25 2.52 -8.63
N THR B 246 7.44 1.95 -8.63
CA THR B 246 8.60 2.62 -8.08
C THR B 246 8.72 4.04 -8.65
N LEU B 247 8.65 4.16 -9.98
CA LEU B 247 8.60 5.47 -10.61
C LEU B 247 7.56 6.37 -9.95
N GLN B 248 6.40 5.81 -9.60
CA GLN B 248 5.36 6.54 -8.87
CA GLN B 248 5.38 6.58 -8.90
C GLN B 248 5.95 7.09 -7.59
N LEU B 249 6.67 6.22 -6.90
CA LEU B 249 7.25 6.51 -5.60
C LEU B 249 8.41 7.50 -5.70
N ILE B 250 9.13 7.47 -6.82
CA ILE B 250 10.21 8.41 -7.03
C ILE B 250 9.70 9.84 -7.25
N ASP B 251 8.69 9.97 -8.11
CA ASP B 251 8.06 11.27 -8.34
C ASP B 251 7.53 11.86 -7.04
N MET B 252 6.87 11.02 -6.24
CA MET B 252 6.33 11.44 -4.96
C MET B 252 7.44 11.84 -4.01
N SER B 253 8.47 11.02 -3.92
CA SER B 253 9.57 11.34 -3.02
C SER B 253 9.97 12.75 -3.32
N ALA B 254 10.16 13.04 -4.60
CA ALA B 254 10.59 14.35 -5.06
C ALA B 254 9.52 15.42 -4.79
N THR B 255 8.27 15.09 -5.04
CA THR B 255 7.22 16.08 -4.81
C THR B 255 7.14 16.45 -3.32
N TYR B 256 7.19 15.44 -2.45
CA TYR B 256 7.19 15.72 -1.02
C TYR B 256 8.43 16.53 -0.66
N ARG B 257 9.54 16.22 -1.33
CA ARG B 257 10.73 17.03 -1.15
C ARG B 257 10.43 18.48 -1.46
N GLU B 258 9.93 18.77 -2.66
CA GLU B 258 9.58 20.14 -3.04
C GLU B 258 8.72 20.77 -1.94
N VAL B 259 7.79 20.00 -1.41
CA VAL B 259 6.92 20.49 -0.36
C VAL B 259 7.74 20.89 0.86
N LEU B 260 8.64 19.99 1.25
CA LEU B 260 9.47 20.22 2.42
C LEU B 260 10.30 21.51 2.37
N THR B 261 10.96 21.77 1.24
CA THR B 261 11.78 22.97 1.10
C THR B 261 10.92 24.24 1.17
N SER B 262 9.72 24.15 0.63
CA SER B 262 8.82 25.29 0.63
C SER B 262 8.48 25.64 2.07
N MET B 263 8.09 24.62 2.83
CA MET B 263 7.78 24.79 4.25
C MET B 263 9.04 25.19 4.99
N MET B 264 10.17 24.70 4.50
CA MET B 264 11.45 25.11 5.05
CA MET B 264 11.48 25.10 4.99
C MET B 264 11.61 26.59 4.80
N ASP B 265 11.07 27.07 3.69
CA ASP B 265 11.12 28.48 3.32
C ASP B 265 10.31 29.31 4.32
N ILE B 266 9.24 28.73 4.84
CA ILE B 266 8.39 29.47 5.78
C ILE B 266 9.02 29.65 7.16
N THR B 267 9.49 28.57 7.78
CA THR B 267 10.10 28.67 9.12
C THR B 267 11.42 29.44 9.09
N LEU B 268 11.95 29.67 7.90
CA LEU B 268 13.10 30.56 7.74
C LEU B 268 12.62 32.00 7.79
N SER B 269 11.57 32.31 7.04
CA SER B 269 10.99 33.65 7.02
C SER B 269 10.41 34.01 8.39
N LEU B 270 9.93 33.00 9.11
CA LEU B 270 9.39 33.18 10.45
C LEU B 270 10.47 33.37 11.50
N GLU B 271 11.60 32.66 11.34
CA GLU B 271 12.82 32.92 12.13
C GLU B 271 14.00 31.95 11.91
N ASN B 272 15.18 32.36 12.38
CA ASN B 272 16.42 31.57 12.39
C ASN B 272 17.64 32.47 12.51
#